data_7A9F
#
_entry.id   7A9F
#
_cell.length_a   68.110
_cell.length_b   68.110
_cell.length_c   102.750
_cell.angle_alpha   90.000
_cell.angle_beta   90.000
_cell.angle_gamma   90.000
#
_symmetry.space_group_name_H-M   'P 43 21 2'
#
loop_
_entity.id
_entity.type
_entity.pdbx_description
1 polymer 'Proteinase K'
2 non-polymer 'Co-substituted Keggin silicotungstate'
3 non-polymer 'SULFATE ION'
4 water water
#
_entity_poly.entity_id   1
_entity_poly.type   'polypeptide(L)'
_entity_poly.pdbx_seq_one_letter_code
;AAQTNAPWGLARISSTSPGTSTYYYDESAGQGSCVYVIDTGIEASHPEFEGRAQMVKTYYYSSRDGNGHGTHCAGTVGSR
TYGVAKKTQLFGVKVLDDNGSGQYSTIIAGMDFVASDKNNRNCPKGVVASLSLGGGYSSSVNSAAARLQSSGVMVAVAAG
NNNADARNYSPASEPSVCTVGASDRYDRRSSFSNYGSVLDIFGPGTDILSTWIGGSTRSISGTSMATPHVAGLAAYLMTL
GKTTAASACRYIADTANKGDLSNIPFGTVNLLAYNNYQA
;
_entity_poly.pdbx_strand_id   A
#
loop_
_chem_comp.id
_chem_comp.type
_chem_comp.name
_chem_comp.formula
R5Q non-polymer 'Co-substituted Keggin silicotungstate' 'Co O39 Si W11'
SO4 non-polymer 'SULFATE ION' 'O4 S -2'
#
# COMPACT_ATOMS: atom_id res chain seq x y z
N ALA A 1 -19.48 7.35 5.98
CA ALA A 1 -20.05 6.06 5.45
C ALA A 1 -19.58 4.90 6.35
N ALA A 2 -20.40 3.85 6.41
CA ALA A 2 -20.14 2.66 7.18
C ALA A 2 -20.28 1.41 6.31
N GLN A 3 -19.24 0.58 6.31
CA GLN A 3 -19.27 -0.74 5.71
C GLN A 3 -19.33 -1.75 6.82
N THR A 4 -20.43 -2.46 6.94
CA THR A 4 -20.47 -3.49 7.97
C THR A 4 -19.75 -4.74 7.52
N ASN A 5 -19.35 -5.53 8.52
CA ASN A 5 -18.63 -6.79 8.35
C ASN A 5 -17.48 -6.63 7.36
N ALA A 6 -16.71 -5.61 7.59
CA ALA A 6 -15.55 -5.31 6.77
C ALA A 6 -14.38 -6.17 7.19
N PRO A 7 -13.41 -6.37 6.30
CA PRO A 7 -12.16 -7.02 6.70
C PRO A 7 -11.59 -6.30 7.92
N TRP A 8 -10.97 -7.07 8.82
CA TRP A 8 -10.55 -6.46 10.10
C TRP A 8 -9.62 -5.29 9.88
N GLY A 9 -8.78 -5.35 8.87
CA GLY A 9 -7.80 -4.29 8.63
C GLY A 9 -8.43 -2.98 8.25
N LEU A 10 -9.51 -3.01 7.48
CA LEU A 10 -10.23 -1.79 7.17
C LEU A 10 -10.87 -1.23 8.46
N ALA A 11 -11.57 -2.09 9.22
CA ALA A 11 -12.11 -1.63 10.50
C ALA A 11 -11.03 -1.03 11.39
N ARG A 12 -9.85 -1.63 11.40
CA ARG A 12 -8.79 -1.16 12.28
C ARG A 12 -8.34 0.23 11.85
N ILE A 13 -8.22 0.48 10.54
CA ILE A 13 -7.78 1.77 10.04
C ILE A 13 -8.69 2.93 10.41
N SER A 14 -9.97 2.67 10.75
CA SER A 14 -10.87 3.75 11.12
C SER A 14 -11.28 3.67 12.58
N SER A 15 -10.50 2.96 13.40
CA SER A 15 -10.85 2.73 14.81
C SER A 15 -9.71 3.11 15.75
N THR A 16 -10.10 3.61 16.94
CA THR A 16 -9.14 3.81 18.02
C THR A 16 -8.85 2.53 18.77
N SER A 17 -9.57 1.44 18.49
CA SER A 17 -9.39 0.18 19.18
C SER A 17 -9.42 -0.97 18.22
N PRO A 18 -8.67 -2.04 18.51
CA PRO A 18 -8.85 -3.31 17.78
C PRO A 18 -10.17 -3.94 18.17
N GLY A 19 -10.54 -4.97 17.41
CA GLY A 19 -11.67 -5.80 17.80
C GLY A 19 -13.02 -5.39 17.29
N THR A 20 -13.10 -4.48 16.30
CA THR A 20 -14.36 -4.08 15.71
C THR A 20 -14.36 -4.51 14.27
N SER A 21 -15.53 -4.41 13.64
CA SER A 21 -15.74 -5.06 12.34
C SER A 21 -16.40 -4.15 11.31
N THR A 22 -16.56 -2.87 11.60
CA THR A 22 -17.17 -1.90 10.67
C THR A 22 -16.10 -0.87 10.28
N TYR A 23 -16.02 -0.58 8.97
CA TYR A 23 -15.12 0.40 8.39
C TYR A 23 -15.91 1.68 8.19
N TYR A 24 -15.42 2.79 8.76
CA TYR A 24 -16.02 4.12 8.63
C TYR A 24 -15.10 4.99 7.81
N TYR A 25 -15.66 5.67 6.83
CA TYR A 25 -14.86 6.52 5.97
C TYR A 25 -15.72 7.57 5.29
N ASP A 26 -15.09 8.70 4.94
CA ASP A 26 -15.77 9.73 4.17
C ASP A 26 -16.12 9.23 2.78
N GLU A 27 -17.33 9.54 2.34
CA GLU A 27 -17.85 8.93 1.12
C GLU A 27 -17.05 9.35 -0.12
N SER A 28 -16.29 10.44 -0.04
CA SER A 28 -15.46 10.84 -1.18
C SER A 28 -14.53 9.71 -1.61
N ALA A 29 -14.04 8.94 -0.64
CA ALA A 29 -13.49 7.60 -0.92
C ALA A 29 -12.33 7.63 -1.93
N GLY A 30 -11.51 8.67 -1.88
CA GLY A 30 -10.38 8.76 -2.79
C GLY A 30 -10.73 9.09 -4.23
N GLN A 31 -11.95 9.52 -4.49
CA GLN A 31 -12.32 9.94 -5.83
C GLN A 31 -11.37 11.03 -6.31
N GLY A 32 -10.93 10.92 -7.55
CA GLY A 32 -10.05 11.89 -8.16
C GLY A 32 -8.58 11.69 -7.87
N SER A 33 -8.25 10.67 -7.08
CA SER A 33 -6.86 10.27 -6.84
C SER A 33 -6.52 9.06 -7.73
N CYS A 34 -5.22 8.75 -7.79
CA CYS A 34 -4.75 7.60 -8.55
C CYS A 34 -3.72 6.87 -7.71
N VAL A 35 -3.78 5.56 -7.70
CA VAL A 35 -2.78 4.73 -7.07
C VAL A 35 -2.23 3.77 -8.09
N TYR A 36 -0.92 3.85 -8.32
CA TYR A 36 -0.18 2.84 -9.07
C TYR A 36 0.18 1.66 -8.19
N VAL A 37 -0.15 0.46 -8.62
CA VAL A 37 0.21 -0.77 -7.93
C VAL A 37 1.29 -1.45 -8.77
N ILE A 38 2.52 -1.35 -8.29
CA ILE A 38 3.73 -1.77 -9.01
C ILE A 38 4.05 -3.17 -8.49
N ASP A 39 3.70 -4.20 -9.28
CA ASP A 39 3.60 -5.55 -8.73
C ASP A 39 3.49 -6.60 -9.85
N THR A 40 2.71 -7.65 -9.67
CA THR A 40 2.55 -8.71 -10.69
C THR A 40 1.45 -8.43 -11.68
N GLY A 41 0.86 -7.24 -11.68
CA GLY A 41 -0.31 -6.90 -12.48
C GLY A 41 -1.57 -6.83 -11.61
N ILE A 42 -2.69 -6.60 -12.29
CA ILE A 42 -4.02 -6.53 -11.71
C ILE A 42 -4.99 -7.23 -12.66
N GLU A 43 -5.82 -8.13 -12.11
CA GLU A 43 -6.96 -8.67 -12.86
C GLU A 43 -8.05 -7.61 -12.83
N ALA A 44 -7.93 -6.67 -13.77
CA ALA A 44 -8.79 -5.51 -13.85
C ALA A 44 -10.24 -5.83 -14.16
N SER A 45 -10.55 -7.01 -14.70
CA SER A 45 -11.95 -7.40 -14.90
C SER A 45 -12.65 -7.91 -13.65
N HIS A 46 -11.94 -8.03 -12.54
CA HIS A 46 -12.59 -8.47 -11.32
C HIS A 46 -13.74 -7.52 -10.96
N PRO A 47 -14.93 -8.05 -10.67
CA PRO A 47 -16.07 -7.16 -10.39
C PRO A 47 -15.80 -6.19 -9.24
N GLU A 48 -14.91 -6.58 -8.31
CA GLU A 48 -14.56 -5.73 -7.18
C GLU A 48 -13.90 -4.44 -7.57
N PHE A 49 -13.36 -4.35 -8.78
CA PHE A 49 -12.73 -3.08 -9.19
C PHE A 49 -13.65 -2.15 -9.95
N GLU A 50 -14.77 -2.63 -10.45
CA GLU A 50 -15.85 -1.79 -10.98
C GLU A 50 -15.42 -0.96 -12.15
N GLY A 51 -14.46 -1.42 -12.91
CA GLY A 51 -13.99 -0.65 -14.03
C GLY A 51 -12.95 0.41 -13.67
N ARG A 52 -12.56 0.53 -12.39
CA ARG A 52 -11.63 1.56 -11.93
C ARG A 52 -10.17 1.13 -12.01
N ALA A 53 -9.89 -0.10 -12.41
CA ALA A 53 -8.53 -0.61 -12.58
C ALA A 53 -8.19 -0.79 -14.05
N GLN A 54 -6.91 -0.59 -14.34
CA GLN A 54 -6.41 -0.80 -15.69
C GLN A 54 -4.91 -1.01 -15.63
N MET A 55 -4.42 -1.84 -16.54
CA MET A 55 -2.99 -1.99 -16.70
C MET A 55 -2.45 -0.91 -17.60
N VAL A 56 -1.33 -0.29 -17.19
CA VAL A 56 -0.68 0.75 -17.98
C VAL A 56 0.71 0.35 -18.46
N LYS A 57 1.35 -0.67 -17.88
CA LYS A 57 2.69 -1.06 -18.30
C LYS A 57 2.95 -2.50 -17.90
N THR A 58 3.65 -3.23 -18.78
CA THR A 58 4.24 -4.49 -18.38
C THR A 58 5.63 -4.61 -19.00
N TYR A 59 6.50 -5.37 -18.35
CA TYR A 59 7.83 -5.66 -18.86
C TYR A 59 7.95 -7.12 -19.34
N TYR A 60 6.85 -7.84 -19.45
CA TYR A 60 6.80 -9.25 -19.78
C TYR A 60 5.87 -9.48 -20.96
N TYR A 61 5.73 -10.73 -21.37
CA TYR A 61 4.97 -11.00 -22.57
C TYR A 61 3.50 -10.69 -22.40
N SER A 62 3.02 -10.49 -21.16
CA SER A 62 1.62 -10.26 -20.91
C SER A 62 1.50 -9.25 -19.75
N SER A 63 0.36 -8.56 -19.73
CA SER A 63 0.01 -7.68 -18.62
C SER A 63 -0.88 -8.38 -17.60
N ARG A 64 -1.21 -9.63 -17.87
CA ARG A 64 -2.03 -10.43 -16.96
C ARG A 64 -1.31 -10.68 -15.66
N ASP A 65 -2.05 -10.57 -14.56
CA ASP A 65 -1.60 -11.04 -13.25
C ASP A 65 -1.79 -12.56 -13.21
N GLY A 66 -0.73 -13.30 -13.49
CA GLY A 66 -0.74 -14.74 -13.38
C GLY A 66 -0.39 -15.28 -12.02
N ASN A 67 -0.22 -14.41 -11.02
CA ASN A 67 0.15 -14.81 -9.68
C ASN A 67 -0.95 -14.61 -8.66
N GLY A 68 -1.55 -13.41 -8.61
CA GLY A 68 -2.54 -13.05 -7.61
C GLY A 68 -2.07 -11.94 -6.69
N HIS A 69 -0.78 -11.92 -6.38
CA HIS A 69 -0.26 -10.99 -5.39
C HIS A 69 -0.63 -9.52 -5.73
N GLY A 70 -0.42 -9.10 -6.98
CA GLY A 70 -0.74 -7.74 -7.35
C GLY A 70 -2.23 -7.43 -7.32
N THR A 71 -3.06 -8.42 -7.67
CA THR A 71 -4.50 -8.22 -7.59
C THR A 71 -4.94 -8.05 -6.15
N HIS A 72 -4.35 -8.82 -5.24
CA HIS A 72 -4.67 -8.73 -3.82
C HIS A 72 -4.31 -7.38 -3.26
N CYS A 73 -3.10 -6.90 -3.55
CA CYS A 73 -2.66 -5.59 -3.12
C CYS A 73 -3.53 -4.47 -3.71
N ALA A 74 -3.86 -4.55 -5.02
CA ALA A 74 -4.74 -3.56 -5.61
C ALA A 74 -6.11 -3.57 -4.94
N GLY A 75 -6.55 -4.75 -4.51
CA GLY A 75 -7.84 -4.87 -3.83
C GLY A 75 -7.84 -4.18 -2.49
N THR A 76 -6.74 -4.25 -1.74
CA THR A 76 -6.65 -3.54 -0.46
C THR A 76 -6.57 -2.04 -0.68
N VAL A 77 -6.00 -1.59 -1.79
CA VAL A 77 -6.00 -0.17 -2.06
C VAL A 77 -7.42 0.32 -2.34
N GLY A 78 -8.15 -0.35 -3.24
CA GLY A 78 -9.26 0.28 -3.90
C GLY A 78 -10.46 -0.54 -4.35
N SER A 79 -10.52 -1.83 -4.01
CA SER A 79 -11.70 -2.63 -4.38
C SER A 79 -12.90 -2.18 -3.54
N ARG A 80 -14.09 -2.42 -4.06
CA ARG A 80 -15.32 -1.92 -3.41
C ARG A 80 -15.51 -2.52 -2.02
N THR A 81 -15.26 -3.82 -1.84
CA THR A 81 -15.45 -4.48 -0.56
C THR A 81 -14.15 -4.48 0.28
N TYR A 82 -12.97 -4.76 -0.33
CA TYR A 82 -11.77 -5.01 0.45
C TYR A 82 -10.80 -3.82 0.50
N GLY A 83 -11.18 -2.68 -0.13
CA GLY A 83 -10.31 -1.54 -0.25
C GLY A 83 -10.52 -0.38 0.71
N VAL A 84 -9.42 0.36 0.93
CA VAL A 84 -9.43 1.55 1.74
C VAL A 84 -10.09 2.71 1.01
N ALA A 85 -9.73 2.92 -0.25
CA ALA A 85 -10.11 4.08 -1.06
C ALA A 85 -10.98 3.57 -2.23
N LYS A 86 -12.27 3.46 -2.02
CA LYS A 86 -13.16 2.66 -2.84
C LYS A 86 -13.54 3.35 -4.09
N LYS A 87 -13.06 4.58 -4.32
CA LYS A 87 -13.33 5.27 -5.58
C LYS A 87 -12.08 5.76 -6.27
N THR A 88 -10.88 5.40 -5.79
CA THR A 88 -9.66 5.78 -6.51
C THR A 88 -9.55 5.04 -7.84
N GLN A 89 -8.70 5.57 -8.69
CA GLN A 89 -8.33 4.96 -9.97
C GLN A 89 -7.07 4.14 -9.75
N LEU A 90 -7.10 2.87 -10.16
CA LEU A 90 -5.99 1.97 -9.95
C LEU A 90 -5.23 1.75 -11.27
N PHE A 91 -3.91 1.87 -11.21
CA PHE A 91 -3.06 1.64 -12.37
C PHE A 91 -2.06 0.53 -12.07
N GLY A 92 -2.09 -0.54 -12.87
CA GLY A 92 -1.15 -1.61 -12.71
C GLY A 92 0.12 -1.45 -13.53
N VAL A 93 1.26 -1.71 -12.91
CA VAL A 93 2.60 -1.75 -13.52
C VAL A 93 3.23 -3.11 -13.20
N LYS A 94 3.32 -3.98 -14.20
CA LYS A 94 3.77 -5.35 -13.98
C LYS A 94 5.27 -5.38 -14.09
N VAL A 95 5.94 -5.19 -12.95
CA VAL A 95 7.38 -5.35 -12.87
C VAL A 95 7.78 -6.72 -12.36
N LEU A 96 6.83 -7.50 -11.84
CA LEU A 96 7.09 -8.82 -11.29
C LEU A 96 6.46 -9.84 -12.21
N ASP A 97 7.16 -10.95 -12.43
CA ASP A 97 6.66 -12.01 -13.26
C ASP A 97 5.64 -12.84 -12.47
N ASP A 98 5.10 -13.87 -13.12
CA ASP A 98 4.02 -14.62 -12.51
C ASP A 98 4.47 -15.50 -11.37
N ASN A 99 5.77 -15.63 -11.14
CA ASN A 99 6.29 -16.26 -9.91
C ASN A 99 6.56 -15.25 -8.80
N GLY A 100 6.32 -13.96 -9.04
CA GLY A 100 6.51 -12.96 -8.00
C GLY A 100 7.88 -12.35 -7.97
N SER A 101 8.74 -12.67 -8.94
CA SER A 101 10.13 -12.23 -9.04
C SER A 101 10.29 -11.17 -10.12
N GLY A 102 11.30 -10.31 -9.94
CA GLY A 102 11.65 -9.35 -10.97
C GLY A 102 13.06 -8.86 -10.73
N GLN A 103 13.74 -8.55 -11.80
CA GLN A 103 15.09 -8.01 -11.67
C GLN A 103 15.04 -6.55 -11.20
N TYR A 104 16.02 -6.16 -10.41
CA TYR A 104 15.97 -4.79 -9.90
C TYR A 104 15.98 -3.78 -11.04
N SER A 105 16.62 -4.09 -12.17
CA SER A 105 16.65 -3.13 -13.25
C SER A 105 15.27 -2.90 -13.81
N THR A 106 14.40 -3.92 -13.79
CA THR A 106 13.02 -3.74 -14.25
C THR A 106 12.19 -3.01 -13.19
N ILE A 107 12.42 -3.30 -11.92
CA ILE A 107 11.73 -2.53 -10.87
C ILE A 107 12.07 -1.04 -10.96
N ILE A 108 13.33 -0.74 -11.21
CA ILE A 108 13.77 0.65 -11.32
C ILE A 108 13.09 1.30 -12.50
N ALA A 109 13.10 0.63 -13.63
CA ALA A 109 12.41 1.16 -14.81
C ALA A 109 10.93 1.41 -14.51
N GLY A 110 10.30 0.50 -13.80
CA GLY A 110 8.89 0.69 -13.47
C GLY A 110 8.65 1.91 -12.60
N MET A 111 9.54 2.16 -11.62
CA MET A 111 9.41 3.35 -10.81
C MET A 111 9.57 4.61 -11.66
N ASP A 112 10.60 4.66 -12.50
CA ASP A 112 10.73 5.83 -13.37
C ASP A 112 9.55 5.97 -14.33
N PHE A 113 9.01 4.85 -14.79
CA PHE A 113 7.81 4.89 -15.60
C PHE A 113 6.67 5.63 -14.91
N VAL A 114 6.39 5.29 -13.65
CA VAL A 114 5.28 5.96 -12.95
C VAL A 114 5.54 7.45 -12.81
N ALA A 115 6.78 7.83 -12.50
CA ALA A 115 7.12 9.24 -12.33
C ALA A 115 6.78 10.06 -13.56
N SER A 116 6.96 9.49 -14.74
CA SER A 116 6.58 10.14 -16.00
C SER A 116 5.10 9.91 -16.34
N ASP A 117 4.62 8.68 -16.19
CA ASP A 117 3.30 8.31 -16.65
C ASP A 117 2.18 9.10 -15.95
N LYS A 118 2.38 9.53 -14.71
CA LYS A 118 1.33 10.27 -14.03
C LYS A 118 0.94 11.50 -14.84
N ASN A 119 1.88 12.01 -15.67
CA ASN A 119 1.55 13.14 -16.53
C ASN A 119 0.66 12.78 -17.70
N ASN A 120 0.42 11.51 -17.92
CA ASN A 120 -0.56 11.00 -18.88
C ASN A 120 -1.91 10.67 -18.27
N ARG A 121 -2.09 10.89 -16.97
CA ARG A 121 -3.29 10.47 -16.26
C ARG A 121 -3.97 11.67 -15.59
N ASN A 122 -5.25 11.48 -15.33
CA ASN A 122 -6.09 12.48 -14.65
C ASN A 122 -6.22 12.12 -13.16
N CYS A 123 -5.46 12.85 -12.34
CA CYS A 123 -5.33 12.59 -10.89
C CYS A 123 -5.36 13.91 -10.13
N PRO A 124 -6.47 14.69 -10.28
CA PRO A 124 -6.47 16.04 -9.72
C PRO A 124 -6.24 16.08 -8.23
N LYS A 125 -6.57 14.98 -7.51
CA LYS A 125 -6.36 14.97 -6.08
C LYS A 125 -5.02 14.38 -5.65
N GLY A 126 -4.23 13.86 -6.59
CA GLY A 126 -2.87 13.43 -6.31
C GLY A 126 -2.62 11.97 -6.67
N VAL A 127 -1.34 11.60 -6.60
CA VAL A 127 -0.85 10.33 -7.10
C VAL A 127 -0.10 9.59 -6.01
N VAL A 128 -0.39 8.28 -5.91
CA VAL A 128 0.25 7.39 -4.94
C VAL A 128 0.84 6.21 -5.71
N ALA A 129 1.93 5.65 -5.18
CA ALA A 129 2.48 4.40 -5.65
C ALA A 129 2.66 3.43 -4.50
N SER A 130 2.18 2.21 -4.70
CA SER A 130 2.28 1.12 -3.72
C SER A 130 3.24 0.05 -4.22
N LEU A 131 4.31 -0.21 -3.45
CA LEU A 131 5.38 -1.14 -3.80
C LEU A 131 5.50 -2.23 -2.73
N SER A 132 4.67 -3.26 -2.87
CA SER A 132 4.74 -4.46 -2.02
C SER A 132 5.78 -5.45 -2.59
N LEU A 133 7.03 -5.04 -2.52
CA LEU A 133 8.14 -5.81 -3.03
C LEU A 133 9.42 -5.30 -2.40
N GLY A 134 10.49 -6.09 -2.56
CA GLY A 134 11.78 -5.65 -2.10
C GLY A 134 12.80 -6.78 -2.22
N GLY A 135 14.03 -6.45 -1.89
CA GLY A 135 15.09 -7.42 -1.76
C GLY A 135 16.22 -6.81 -0.96
N GLY A 136 17.43 -7.29 -1.23
CA GLY A 136 18.59 -6.80 -0.47
C GLY A 136 18.90 -5.36 -0.77
N TYR A 137 19.67 -4.72 0.13
CA TYR A 137 20.02 -3.32 -0.05
C TYR A 137 20.59 -3.02 -1.44
N SER A 138 20.05 -1.97 -2.05
CA SER A 138 20.57 -1.48 -3.34
C SER A 138 20.42 0.03 -3.38
N SER A 139 21.53 0.74 -3.57
CA SER A 139 21.45 2.19 -3.58
C SER A 139 20.70 2.65 -4.83
N SER A 140 20.78 1.87 -5.91
CA SER A 140 20.11 2.24 -7.15
C SER A 140 18.60 2.11 -7.02
N VAL A 141 18.13 1.04 -6.35
CA VAL A 141 16.71 0.84 -6.12
C VAL A 141 16.18 1.92 -5.20
N ASN A 142 16.93 2.25 -4.14
CA ASN A 142 16.49 3.31 -3.23
C ASN A 142 16.43 4.65 -3.95
N SER A 143 17.41 4.88 -4.84
CA SER A 143 17.45 6.15 -5.54
C SER A 143 16.24 6.28 -6.46
N ALA A 144 15.85 5.19 -7.10
CA ALA A 144 14.67 5.19 -7.95
C ALA A 144 13.42 5.53 -7.13
N ALA A 145 13.31 4.96 -5.91
CA ALA A 145 12.16 5.26 -5.07
C ALA A 145 12.17 6.72 -4.63
N ALA A 146 13.34 7.23 -4.34
CA ALA A 146 13.50 8.63 -3.98
C ALA A 146 13.11 9.55 -5.12
N ARG A 147 13.51 9.23 -6.37
CA ARG A 147 13.09 10.04 -7.52
C ARG A 147 11.57 10.03 -7.69
N LEU A 148 10.95 8.88 -7.54
CA LEU A 148 9.51 8.78 -7.72
C LEU A 148 8.80 9.67 -6.71
N GLN A 149 9.25 9.63 -5.46
CA GLN A 149 8.73 10.48 -4.40
C GLN A 149 8.97 11.94 -4.75
N SER A 150 10.20 12.26 -5.15
CA SER A 150 10.55 13.62 -5.44
C SER A 150 9.70 14.19 -6.58
N SER A 151 9.33 13.34 -7.53
CA SER A 151 8.49 13.75 -8.65
C SER A 151 7.06 14.09 -8.29
N GLY A 152 6.61 13.86 -7.06
CA GLY A 152 5.27 14.24 -6.65
C GLY A 152 4.32 13.08 -6.43
N VAL A 153 4.84 11.87 -6.24
CA VAL A 153 4.05 10.69 -5.94
C VAL A 153 4.31 10.30 -4.49
N MET A 154 3.23 10.00 -3.77
CA MET A 154 3.35 9.44 -2.42
C MET A 154 3.78 7.99 -2.55
N VAL A 155 5.02 7.67 -2.16
CA VAL A 155 5.54 6.32 -2.34
C VAL A 155 5.44 5.55 -1.02
N ALA A 156 4.69 4.44 -1.03
CA ALA A 156 4.61 3.53 0.10
C ALA A 156 5.27 2.20 -0.29
N VAL A 157 6.16 1.72 0.57
CA VAL A 157 6.90 0.49 0.30
C VAL A 157 6.80 -0.43 1.51
N ALA A 158 6.81 -1.74 1.24
CA ALA A 158 6.80 -2.73 2.29
C ALA A 158 8.12 -2.79 3.02
N ALA A 159 8.05 -2.96 4.36
CA ALA A 159 9.26 -3.04 5.14
C ALA A 159 10.02 -4.33 4.91
N GLY A 160 9.32 -5.39 4.52
CA GLY A 160 9.87 -6.73 4.32
C GLY A 160 9.45 -7.69 5.45
N ASN A 161 9.62 -8.99 5.17
CA ASN A 161 9.08 -10.07 5.99
C ASN A 161 10.18 -10.96 6.60
N ASN A 162 11.28 -10.39 7.02
CA ASN A 162 12.46 -11.11 7.49
C ASN A 162 12.59 -11.08 9.02
N ASN A 163 11.62 -10.49 9.72
CA ASN A 163 11.68 -10.22 11.15
C ASN A 163 13.05 -9.64 11.53
N ALA A 164 13.47 -8.61 10.79
CA ALA A 164 14.79 -8.01 10.98
C ALA A 164 14.74 -6.53 10.71
N ASP A 165 15.90 -5.90 10.87
CA ASP A 165 15.97 -4.45 10.65
C ASP A 165 15.91 -4.18 9.15
N ALA A 166 14.96 -3.34 8.77
CA ALA A 166 14.72 -3.04 7.38
C ALA A 166 15.85 -2.26 6.75
N ARG A 167 16.84 -1.83 7.53
CA ARG A 167 17.97 -1.09 6.98
C ARG A 167 18.70 -1.86 5.91
N ASN A 168 18.59 -3.20 5.89
CA ASN A 168 19.32 -3.98 4.92
C ASN A 168 18.49 -4.40 3.70
N TYR A 169 17.35 -3.77 3.47
CA TYR A 169 16.47 -4.11 2.35
C TYR A 169 16.08 -2.87 1.55
N SER A 170 15.78 -3.08 0.25
CA SER A 170 15.46 -1.98 -0.62
C SER A 170 14.21 -2.31 -1.42
N PRO A 171 13.31 -1.32 -1.66
CA PRO A 171 13.38 0.09 -1.30
C PRO A 171 13.02 0.43 0.18
N ALA A 172 12.80 -0.58 1.00
CA ALA A 172 12.43 -0.33 2.40
C ALA A 172 13.35 0.65 3.09
N SER A 173 14.67 0.57 2.82
CA SER A 173 15.61 1.40 3.53
C SER A 173 15.73 2.82 2.98
N GLU A 174 15.02 3.18 1.93
CA GLU A 174 15.11 4.54 1.42
C GLU A 174 14.42 5.52 2.37
N PRO A 175 15.10 6.54 2.90
CA PRO A 175 14.46 7.32 3.97
C PRO A 175 13.28 8.17 3.50
N SER A 176 13.28 8.64 2.25
CA SER A 176 12.34 9.64 1.80
C SER A 176 10.97 9.07 1.41
N VAL A 177 10.83 7.74 1.37
CA VAL A 177 9.54 7.12 1.08
C VAL A 177 8.87 6.65 2.36
N CYS A 178 7.66 6.11 2.26
CA CYS A 178 6.88 5.69 3.44
C CYS A 178 7.07 4.18 3.62
N THR A 179 7.88 3.78 4.60
CA THR A 179 8.19 2.39 4.85
C THR A 179 7.20 1.80 5.89
N VAL A 180 6.49 0.78 5.48
CA VAL A 180 5.32 0.22 6.19
C VAL A 180 5.64 -1.17 6.76
N GLY A 181 5.53 -1.32 8.09
CA GLY A 181 5.51 -2.63 8.72
C GLY A 181 4.08 -3.14 8.89
N ALA A 182 3.97 -4.38 9.40
CA ALA A 182 2.69 -5.11 9.46
C ALA A 182 2.34 -5.40 10.90
N SER A 183 1.03 -5.26 11.25
CA SER A 183 0.46 -5.66 12.53
C SER A 183 -0.64 -6.68 12.32
N ASP A 184 -1.06 -7.33 13.42
CA ASP A 184 -2.17 -8.31 13.38
C ASP A 184 -3.41 -7.79 14.11
N ARG A 185 -4.48 -8.59 14.08
CA ARG A 185 -5.80 -8.16 14.55
C ARG A 185 -5.83 -7.90 16.07
N TYR A 186 -4.80 -8.32 16.78
CA TYR A 186 -4.68 -8.07 18.21
C TYR A 186 -3.67 -6.97 18.50
N ASP A 187 -3.33 -6.18 17.49
CA ASP A 187 -2.39 -5.05 17.63
C ASP A 187 -1.01 -5.53 18.08
N ARG A 188 -0.60 -6.73 17.66
CA ARG A 188 0.78 -7.16 17.78
C ARG A 188 1.51 -6.89 16.47
N ARG A 189 2.77 -6.47 16.58
CA ARG A 189 3.65 -6.57 15.43
C ARG A 189 3.53 -7.95 14.80
N SER A 190 3.30 -8.00 13.48
CA SER A 190 3.23 -9.29 12.81
C SER A 190 4.55 -10.02 12.98
N SER A 191 4.48 -11.34 13.16
CA SER A 191 5.65 -12.10 13.57
C SER A 191 6.78 -12.01 12.54
N PHE A 192 6.43 -11.80 11.28
CA PHE A 192 7.37 -11.71 10.18
C PHE A 192 7.80 -10.28 9.89
N SER A 193 7.15 -9.27 10.45
CA SER A 193 7.41 -7.89 10.02
C SER A 193 8.82 -7.42 10.35
N ASN A 194 9.52 -6.87 9.34
CA ASN A 194 10.70 -6.07 9.64
C ASN A 194 10.37 -4.87 10.51
N TYR A 195 11.42 -4.30 11.09
CA TYR A 195 11.33 -3.22 12.04
C TYR A 195 12.56 -2.34 11.81
N GLY A 196 12.77 -1.39 12.72
CA GLY A 196 13.90 -0.51 12.65
C GLY A 196 13.51 0.96 12.56
N SER A 197 14.54 1.79 12.67
CA SER A 197 14.35 3.24 12.64
C SER A 197 13.79 3.74 11.31
N VAL A 198 13.99 3.00 10.23
CA VAL A 198 13.53 3.49 8.94
C VAL A 198 12.02 3.29 8.76
N LEU A 199 11.38 2.43 9.55
CA LEU A 199 9.92 2.35 9.45
C LEU A 199 9.27 3.67 9.78
N ASP A 200 8.23 4.02 9.01
CA ASP A 200 7.44 5.21 9.25
C ASP A 200 6.13 4.92 9.94
N ILE A 201 5.58 3.71 9.75
CA ILE A 201 4.17 3.46 10.06
C ILE A 201 3.95 1.98 9.98
N PHE A 202 2.95 1.49 10.71
CA PHE A 202 2.43 0.14 10.60
C PHE A 202 1.03 0.17 10.01
N GLY A 203 0.72 -0.88 9.28
CA GLY A 203 -0.62 -1.13 8.83
C GLY A 203 -0.98 -2.61 8.98
N PRO A 204 -2.28 -2.91 8.90
CA PRO A 204 -2.74 -4.30 9.02
C PRO A 204 -2.10 -5.21 7.96
N GLY A 205 -1.46 -6.31 8.43
CA GLY A 205 -0.72 -7.17 7.55
C GLY A 205 -0.89 -8.68 7.75
N THR A 206 -1.49 -9.11 8.85
CA THR A 206 -1.68 -10.54 9.11
C THR A 206 -3.15 -10.89 8.82
N ASP A 207 -3.37 -11.83 7.91
CA ASP A 207 -4.66 -12.37 7.52
C ASP A 207 -5.59 -11.31 6.95
N ILE A 208 -5.16 -10.77 5.81
CA ILE A 208 -5.86 -9.71 5.09
C ILE A 208 -6.61 -10.29 3.90
N LEU A 209 -7.93 -10.16 3.94
CA LEU A 209 -8.80 -10.64 2.87
C LEU A 209 -8.87 -9.61 1.77
N SER A 210 -8.75 -10.06 0.51
CA SER A 210 -8.80 -9.15 -0.62
C SER A 210 -9.05 -9.99 -1.88
N THR A 211 -9.05 -9.29 -3.03
CA THR A 211 -9.29 -9.89 -4.30
C THR A 211 -8.17 -10.86 -4.66
N TRP A 212 -8.50 -11.80 -5.54
CA TRP A 212 -7.53 -12.74 -6.07
C TRP A 212 -7.88 -13.03 -7.52
N ILE A 213 -6.91 -13.59 -8.24
CA ILE A 213 -7.16 -13.91 -9.62
C ILE A 213 -8.21 -14.99 -9.75
N GLY A 214 -8.77 -15.10 -10.95
CA GLY A 214 -9.90 -15.97 -11.15
C GLY A 214 -11.19 -15.42 -10.62
N GLY A 215 -11.27 -14.11 -10.42
CA GLY A 215 -12.48 -13.52 -9.88
C GLY A 215 -12.78 -13.94 -8.48
N SER A 216 -11.76 -14.25 -7.69
CA SER A 216 -11.95 -14.85 -6.37
C SER A 216 -11.47 -13.88 -5.28
N THR A 217 -11.37 -14.42 -4.05
CA THR A 217 -10.84 -13.70 -2.90
C THR A 217 -10.03 -14.67 -2.07
N ARG A 218 -9.07 -14.14 -1.32
CA ARG A 218 -8.39 -14.94 -0.32
C ARG A 218 -7.69 -14.01 0.68
N SER A 219 -7.34 -14.60 1.78
CA SER A 219 -6.63 -13.94 2.82
C SER A 219 -5.17 -14.43 2.89
N ILE A 220 -4.24 -13.50 2.84
CA ILE A 220 -2.83 -13.78 2.96
C ILE A 220 -2.22 -12.72 3.90
N SER A 221 -0.93 -12.88 4.21
CA SER A 221 -0.22 -12.07 5.19
C SER A 221 1.11 -11.59 4.64
N GLY A 222 1.51 -10.41 5.06
CA GLY A 222 2.81 -9.87 4.73
C GLY A 222 2.83 -8.37 4.91
N THR A 223 4.04 -7.80 4.93
CA THR A 223 4.15 -6.36 4.80
C THR A 223 3.64 -5.90 3.43
N SER A 224 3.59 -6.83 2.46
CA SER A 224 2.91 -6.55 1.21
C SER A 224 1.45 -6.18 1.43
N MET A 225 0.83 -6.69 2.45
CA MET A 225 -0.60 -6.42 2.68
C MET A 225 -0.80 -5.12 3.44
N ALA A 226 0.16 -4.78 4.30
CA ALA A 226 0.09 -3.56 5.08
C ALA A 226 0.27 -2.34 4.20
N THR A 227 1.19 -2.44 3.23
CA THR A 227 1.57 -1.31 2.37
C THR A 227 0.36 -0.73 1.63
N PRO A 228 -0.48 -1.51 0.98
CA PRO A 228 -1.62 -0.94 0.27
C PRO A 228 -2.69 -0.35 1.19
N HIS A 229 -2.77 -0.77 2.46
CA HIS A 229 -3.62 -0.02 3.40
C HIS A 229 -3.12 1.42 3.50
N VAL A 230 -1.80 1.60 3.60
CA VAL A 230 -1.24 2.93 3.73
C VAL A 230 -1.34 3.70 2.41
N ALA A 231 -1.07 3.06 1.27
CA ALA A 231 -1.24 3.72 -0.03
C ALA A 231 -2.68 4.19 -0.22
N GLY A 232 -3.63 3.30 0.03
CA GLY A 232 -5.04 3.68 -0.03
C GLY A 232 -5.42 4.80 0.93
N LEU A 233 -4.91 4.75 2.16
CA LEU A 233 -5.17 5.82 3.12
C LEU A 233 -4.62 7.16 2.59
N ALA A 234 -3.40 7.14 2.05
CA ALA A 234 -2.84 8.37 1.52
C ALA A 234 -3.76 8.95 0.44
N ALA A 235 -4.27 8.10 -0.43
CA ALA A 235 -5.10 8.56 -1.54
C ALA A 235 -6.39 9.17 -1.00
N TYR A 236 -6.98 8.49 -0.01
CA TYR A 236 -8.19 8.93 0.67
C TYR A 236 -7.98 10.30 1.30
N LEU A 237 -6.87 10.50 1.99
CA LEU A 237 -6.62 11.76 2.68
C LEU A 237 -6.28 12.88 1.69
N MET A 238 -5.63 12.55 0.58
CA MET A 238 -5.34 13.55 -0.43
C MET A 238 -6.63 14.02 -1.09
N THR A 239 -7.53 13.09 -1.42
CA THR A 239 -8.84 13.48 -1.91
C THR A 239 -9.53 14.42 -0.93
N LEU A 240 -9.42 14.16 0.37
CA LEU A 240 -10.06 14.99 1.39
C LEU A 240 -9.36 16.31 1.59
N GLY A 241 -8.22 16.54 0.95
CA GLY A 241 -7.48 17.79 1.10
C GLY A 241 -6.73 17.91 2.39
N LYS A 242 -6.56 16.84 3.15
CA LYS A 242 -5.88 16.88 4.44
C LYS A 242 -4.37 16.89 4.30
N THR A 243 -3.84 16.44 3.16
CA THR A 243 -2.40 16.29 2.98
C THR A 243 -2.11 16.23 1.49
N THR A 244 -0.84 16.11 1.17
CA THR A 244 -0.31 16.15 -0.18
C THR A 244 0.60 14.94 -0.36
N ALA A 245 1.06 14.72 -1.58
CA ALA A 245 1.91 13.57 -1.81
C ALA A 245 3.23 13.71 -1.08
N ALA A 246 3.73 14.95 -0.97
CA ALA A 246 5.04 15.15 -0.36
C ALA A 246 5.00 14.89 1.12
N SER A 247 3.88 15.17 1.74
CA SER A 247 3.76 15.07 3.18
C SER A 247 2.84 14.09 3.76
N ALA A 248 2.29 13.23 2.92
CA ALA A 248 1.27 12.30 3.40
C ALA A 248 1.84 11.27 4.36
N CYS A 249 3.07 10.79 4.14
CA CYS A 249 3.61 9.82 5.07
C CYS A 249 3.74 10.47 6.46
N ARG A 250 4.30 11.67 6.51
CA ARG A 250 4.46 12.34 7.81
C ARG A 250 3.13 12.65 8.44
N TYR A 251 2.14 13.02 7.62
CA TYR A 251 0.81 13.30 8.14
C TYR A 251 0.16 12.05 8.70
N ILE A 252 0.34 10.92 8.01
CA ILE A 252 -0.18 9.66 8.51
C ILE A 252 0.48 9.30 9.85
N ALA A 253 1.80 9.48 9.96
CA ALA A 253 2.48 9.28 11.24
C ALA A 253 1.97 10.23 12.31
N ASP A 254 1.77 11.51 11.96
CA ASP A 254 1.32 12.52 12.92
C ASP A 254 -0.05 12.16 13.52
N THR A 255 -0.93 11.62 12.69
CA THR A 255 -2.31 11.34 13.05
C THR A 255 -2.55 9.85 13.35
N ALA A 256 -1.48 9.05 13.46
CA ALA A 256 -1.60 7.63 13.68
C ALA A 256 -2.13 7.34 15.09
N ASN A 257 -2.64 6.12 15.27
CA ASN A 257 -2.82 5.61 16.61
C ASN A 257 -1.44 5.32 17.20
N LYS A 258 -1.17 5.90 18.37
CA LYS A 258 0.15 5.89 18.96
C LYS A 258 0.21 5.01 20.20
N GLY A 259 1.21 4.14 20.24
CA GLY A 259 1.47 3.36 21.42
C GLY A 259 0.55 2.18 21.62
N ASP A 260 -0.15 1.72 20.55
CA ASP A 260 -1.16 0.67 20.67
C ASP A 260 -0.64 -0.72 20.38
N LEU A 261 0.51 -0.83 19.72
CA LEU A 261 1.04 -2.10 19.25
C LEU A 261 1.97 -2.70 20.29
N SER A 262 1.98 -4.02 20.34
CA SER A 262 2.90 -4.76 21.20
C SER A 262 4.00 -5.41 20.37
N ASN A 263 5.08 -5.77 21.08
CA ASN A 263 6.28 -6.33 20.49
C ASN A 263 6.87 -5.42 19.41
N ILE A 264 6.88 -4.13 19.67
CA ILE A 264 7.61 -3.17 18.84
C ILE A 264 8.99 -3.01 19.47
N PRO A 265 10.06 -3.35 18.76
CA PRO A 265 11.41 -3.20 19.34
C PRO A 265 11.77 -1.76 19.66
N PHE A 266 12.56 -1.58 20.73
CA PHE A 266 13.10 -0.28 21.08
C PHE A 266 13.71 0.34 19.85
N GLY A 267 13.32 1.60 19.54
CA GLY A 267 13.83 2.35 18.39
C GLY A 267 12.98 2.30 17.14
N THR A 268 11.90 1.49 17.14
CA THR A 268 10.94 1.44 16.04
C THR A 268 9.69 2.19 16.45
N VAL A 269 9.09 2.93 15.50
CA VAL A 269 7.91 3.71 15.79
C VAL A 269 6.77 2.76 16.21
N ASN A 270 6.00 3.20 17.18
CA ASN A 270 4.77 2.51 17.59
C ASN A 270 3.58 3.34 17.10
N LEU A 271 3.35 3.26 15.79
CA LEU A 271 2.39 4.10 15.06
C LEU A 271 1.62 3.23 14.10
N LEU A 272 0.29 3.21 14.24
CA LEU A 272 -0.62 2.41 13.43
C LEU A 272 -1.51 3.33 12.59
N ALA A 273 -1.52 3.11 11.28
CA ALA A 273 -2.25 3.96 10.37
C ALA A 273 -3.72 4.09 10.77
N TYR A 274 -4.25 5.31 10.72
CA TYR A 274 -5.56 5.65 11.24
C TYR A 274 -6.13 6.83 10.42
N ASN A 275 -7.40 6.72 9.99
CA ASN A 275 -7.97 7.73 9.14
C ASN A 275 -8.61 8.88 9.92
N ASN A 276 -8.71 8.77 11.24
CA ASN A 276 -9.27 9.81 12.10
C ASN A 276 -10.60 10.31 11.53
N TYR A 277 -11.38 9.42 10.93
CA TYR A 277 -12.69 9.77 10.41
C TYR A 277 -13.68 9.82 11.57
N GLN A 278 -14.32 10.95 11.77
CA GLN A 278 -15.42 11.04 12.74
C GLN A 278 -16.75 11.02 11.97
N ALA A 279 -17.50 9.89 12.06
CA ALA A 279 -18.79 9.74 11.34
C ALA A 279 -19.77 10.83 11.72
O40 R5Q B . -6.21 -2.92 -18.17
O41 R5Q B . -5.56 -4.76 -20.26
O42 R5Q B . -2.88 -5.19 -21.21
O43 R5Q B . -7.81 -3.46 -20.44
O44 R5Q B . -5.19 -5.35 -22.80
O45 R5Q B . -3.98 -7.69 -21.97
O46 R5Q B . -8.43 -4.40 -18.03
O47 R5Q B . -10.30 -4.51 -19.94
O48 R5Q B . -9.93 -2.99 -22.26
O49 R5Q B . -7.80 -4.78 -22.60
O50 R5Q B . -6.70 -5.25 -25.20
O51 R5Q B . -5.83 -7.62 -23.96
O52 R5Q B . -4.29 -10.04 -23.47
O53 R5Q B . -5.35 -9.79 -20.95
O54 R5Q B . -5.56 -12.02 -19.15
O55 R5Q B . -7.42 -10.39 -17.90
O56 R5Q B . -9.02 -9.37 -15.85
O57 R5Q B . -9.06 -7.04 -17.45
O58 R5Q B . -11.07 -5.10 -17.36
O59 R5Q B . -8.18 -6.02 -19.94
O60 R5Q B . -6.53 -7.15 -21.50
O61 R5Q B . -7.09 -8.23 -19.19
O62 R5Q B . -8.84 -8.21 -21.12
O63 R5Q B . -10.09 -5.78 -22.18
O64 R5Q B . -8.37 -7.05 -23.65
O65 R5Q B . -7.07 -9.75 -22.89
O66 R5Q B . -7.66 -10.73 -20.51
O67 R5Q B . -9.68 -9.30 -18.61
O68 R5Q B . -10.79 -6.97 -19.37
O69 R5Q B . -11.32 -8.08 -21.80
O70 R5Q B . -11.13 -7.18 -24.41
O71 R5Q B . -9.61 -9.26 -23.25
O72 R5Q B . -8.77 -11.97 -22.74
O73 R5Q B . -10.20 -10.33 -21.02
O74 R5Q B . -12.34 -9.34 -19.49
O75 R5Q B . -6.31 -5.63 -17.90
O76 R5Q B . -4.40 -6.91 -19.63
O77 R5Q B . -4.93 -9.50 -18.36
O78 R5Q B . -6.83 -8.25 -16.62
W12 R5Q B . -6.79 -4.38 -18.90
W13 R5Q B . -4.42 -6.06 -21.06
W14 R5Q B . -9.13 -4.31 -21.42
W15 R5Q B . -6.73 -6.02 -23.61
W16 R5Q B . -5.34 -8.94 -22.63
W17 R5Q B . -6.11 -10.37 -19.28
W18 R5Q B . -8.24 -8.78 -17.26
W19 R5Q B . -9.88 -5.64 -18.44
W20 R5Q B . -10.07 -7.51 -23.04
W21 R5Q B . -8.63 -10.40 -22.05
W22 R5Q B . -10.81 -8.82 -20.01
CO1 R5Q B . -5.32 -7.48 -17.90
SI2 R5Q B . -7.62 -7.44 -20.43
O40 R5Q C . -0.44 -15.91 12.80
O41 R5Q C . -2.50 -15.38 14.54
O42 R5Q C . -3.64 -12.92 15.45
O43 R5Q C . -1.44 -17.76 14.69
O44 R5Q C . -3.85 -15.60 16.75
O45 R5Q C . -5.96 -14.47 15.61
O46 R5Q C . -1.95 -18.16 12.08
O47 R5Q C . -2.22 -20.23 13.85
O48 R5Q C . -0.85 -19.95 16.19
O49 R5Q C . -2.94 -18.08 16.78
O50 R5Q C . -4.02 -17.15 19.08
O51 R5Q C . -6.25 -16.54 17.39
O52 R5Q C . -8.52 -14.83 16.79
O53 R5Q C . -7.93 -15.65 14.24
O54 R5Q C . -9.65 -15.89 12.15
O55 R5Q C . -7.56 -17.74 11.18
O56 R5Q C . -6.10 -18.99 8.98
O57 R5Q C . -4.10 -19.22 10.82
O58 R5Q C . -2.00 -20.82 11.13
O59 R5Q C . -3.69 -18.21 13.71
O60 R5Q C . -5.23 -16.76 15.12
O61 R5Q C . -5.94 -17.48 12.71
O62 R5Q C . -5.95 -19.17 14.43
O63 R5Q C . -3.57 -20.33 16.03
O64 R5Q C . -5.18 -18.95 17.38
O65 R5Q C . -8.13 -17.49 15.90
O66 R5Q C . -8.68 -18.08 13.45
O67 R5Q C . -6.50 -20.11 11.52
O68 R5Q C . -4.32 -20.96 12.52
O69 R5Q C . -5.49 -21.47 14.88
O70 R5Q C . -5.45 -21.62 17.72
O71 R5Q C . -7.28 -19.98 16.26
O72 R5Q C . -9.94 -19.44 15.35
O73 R5Q C . -7.83 -20.50 13.78
O74 R5Q C . -6.51 -22.62 12.38
O75 R5Q C . -2.97 -16.00 11.92
O76 R5Q C . -4.73 -14.38 13.54
O77 R5Q C . -7.07 -15.36 11.77
O78 R5Q C . -5.08 -17.03 10.44
W12 R5Q C . -1.99 -16.48 13.15
W13 R5Q C . -4.08 -14.53 14.98
W14 R5Q C . -2.30 -19.19 15.52
W15 R5Q C . -4.43 -17.26 17.42
W16 R5Q C . -7.41 -15.80 15.95
W17 R5Q C . -8.08 -16.49 12.62
W18 R5Q C . -5.80 -18.49 10.62
W19 R5Q C . -2.99 -19.87 12.11
W20 R5Q C . -5.41 -20.43 16.46
W21 R5Q C . -8.37 -19.03 14.90
W22 R5Q C . -6.16 -21.11 12.98
CO1 R5Q C . -4.93 -15.27 11.69
SI2 R5Q C . -5.19 -17.87 14.00
S SO4 D . -11.39 -11.07 9.02
O1 SO4 D . -11.58 -10.63 10.42
O2 SO4 D . -11.25 -9.91 8.14
O3 SO4 D . -10.16 -11.86 8.93
O4 SO4 D . -12.52 -11.92 8.62
#